data_4ZUU
#
_entry.id   4ZUU
#
_cell.length_a   69.470
_cell.length_b   69.470
_cell.length_c   206.458
_cell.angle_alpha   90.00
_cell.angle_beta   90.00
_cell.angle_gamma   90.00
#
_symmetry.space_group_name_H-M   'P 41 21 2'
#
loop_
_entity.id
_entity.type
_entity.pdbx_description
1 polymer 'Classical MHC class I antigen'
2 polymer Beta-2-microglobulin
3 polymer CYS-THR-SER-GLU-GLU-MET-ASN-ALA-PHE
4 water water
#
loop_
_entity_poly.entity_id
_entity_poly.type
_entity_poly.pdbx_seq_one_letter_code
_entity_poly.pdbx_strand_id
1 'polypeptide(L)'
;GSHSMRYFYTAVSRPGRGEPRFIAVGYVDDTQFVRFDSDAASPRMEPRAPWVEQEGPEYWERETRNMKEATQNFRVGLNT
LHGYYNQSEAGSHTLQRMYGCDVGPDGRLLRGYRQDAYDGADYIALNEDLRSWTAADAAAQITRRKREEAGEAEQCRNYL
EGTCVEWLLRYLENGNETLQRADAPKTHVTHHPISDHEVTLRCWALGFYPEEISLSWQRDGEDVTQDTEFVETRPAGDRT
FQKWAAVVVPSGEEQRYTCHVQHEGLAEPVTLRW
;
A
2 'polypeptide(L)'
;IQKTPQIQVYSRHPPENGKPNILNCYVTQFHPPHIEIQMLKNGKKIPKVEMSDMSFSKDWSFYILAHTEFTPTETDTYAC
RVKHDSMAEPKTVYWDRDM
;
B
3 'polypeptide(L)' CTSEEMNAF C
#
# COMPACT_ATOMS: atom_id res chain seq x y z
N GLY A 1 13.39 -9.97 -13.81
CA GLY A 1 12.28 -10.63 -14.47
C GLY A 1 11.29 -9.65 -15.09
N SER A 2 10.06 -9.67 -14.60
CA SER A 2 9.01 -8.77 -15.10
C SER A 2 8.87 -7.54 -14.19
N HIS A 3 8.34 -6.45 -14.73
CA HIS A 3 8.25 -5.21 -13.96
C HIS A 3 6.99 -4.39 -14.23
N SER A 4 6.72 -3.44 -13.33
CA SER A 4 5.53 -2.60 -13.45
C SER A 4 5.72 -1.20 -12.89
N MET A 5 5.02 -0.25 -13.49
CA MET A 5 4.90 1.09 -12.94
C MET A 5 3.41 1.37 -12.76
N ARG A 6 3.05 1.94 -11.61
CA ARG A 6 1.65 2.24 -11.34
C ARG A 6 1.45 3.56 -10.60
N TYR A 7 0.45 4.32 -11.05
CA TYR A 7 0.06 5.53 -10.36
C TYR A 7 -1.31 5.35 -9.71
N PHE A 8 -1.41 5.82 -8.46
CA PHE A 8 -2.67 5.75 -7.72
C PHE A 8 -3.14 7.18 -7.37
N TYR A 9 -4.32 7.54 -7.90
CA TYR A 9 -4.95 8.82 -7.59
C TYR A 9 -6.12 8.60 -6.65
N THR A 10 -6.27 9.47 -5.67
CA THR A 10 -7.46 9.48 -4.81
C THR A 10 -7.95 10.91 -4.61
N ALA A 11 -9.25 11.11 -4.81
CA ALA A 11 -9.89 12.38 -4.50
C ALA A 11 -11.02 12.08 -3.53
N VAL A 12 -11.04 12.76 -2.39
CA VAL A 12 -12.04 12.55 -1.39
C VAL A 12 -12.67 13.85 -0.97
N SER A 13 -13.97 13.94 -1.09
CA SER A 13 -14.65 15.19 -0.75
C SER A 13 -14.79 15.30 0.76
N ARG A 14 -15.02 16.51 1.22
CA ARG A 14 -15.19 16.77 2.63
C ARG A 14 -16.18 17.93 2.79
N PRO A 15 -17.45 17.70 2.46
CA PRO A 15 -18.44 18.77 2.44
C PRO A 15 -18.48 19.44 3.79
N GLY A 16 -18.46 20.77 3.81
CA GLY A 16 -18.50 21.50 5.05
C GLY A 16 -17.13 21.63 5.68
N ARG A 17 -16.10 21.25 4.93
CA ARG A 17 -14.75 21.28 5.46
C ARG A 17 -13.71 21.58 4.39
N GLY A 18 -14.14 22.17 3.28
CA GLY A 18 -13.20 22.59 2.26
C GLY A 18 -13.46 21.91 0.93
N GLU A 19 -12.51 22.03 0.01
CA GLU A 19 -12.64 21.42 -1.30
C GLU A 19 -11.93 20.06 -1.30
N PRO A 20 -12.39 19.14 -2.15
CA PRO A 20 -11.87 17.75 -2.16
C PRO A 20 -10.35 17.68 -2.14
N ARG A 21 -9.81 16.92 -1.19
CA ARG A 21 -8.37 16.68 -1.13
C ARG A 21 -7.96 15.72 -2.25
N PHE A 22 -6.83 16.00 -2.90
CA PHE A 22 -6.31 15.11 -3.94
C PHE A 22 -4.93 14.55 -3.59
N ILE A 23 -4.77 13.24 -3.73
CA ILE A 23 -3.50 12.58 -3.44
C ILE A 23 -3.07 11.56 -4.51
N ALA A 24 -1.82 11.67 -4.95
CA ALA A 24 -1.27 10.72 -5.92
C ALA A 24 0.04 10.10 -5.42
N VAL A 25 0.23 8.81 -5.72
CA VAL A 25 1.49 8.13 -5.46
C VAL A 25 1.87 7.23 -6.63
N GLY A 26 3.16 7.23 -6.95
CA GLY A 26 3.68 6.44 -8.04
C GLY A 26 4.53 5.30 -7.52
N TYR A 27 4.41 4.15 -8.17
CA TYR A 27 5.15 2.95 -7.77
C TYR A 27 5.88 2.32 -8.95
N VAL A 28 7.12 1.91 -8.73
CA VAL A 28 7.76 0.96 -9.63
C VAL A 28 7.96 -0.33 -8.85
N ASP A 29 7.27 -1.37 -9.27
CA ASP A 29 7.24 -2.61 -8.55
C ASP A 29 6.66 -2.36 -7.17
N ASP A 30 7.29 -2.87 -6.12
CA ASP A 30 6.84 -2.62 -4.75
C ASP A 30 7.50 -1.37 -4.16
N THR A 31 8.08 -0.55 -5.02
CA THR A 31 8.83 0.61 -4.55
C THR A 31 8.15 1.91 -4.93
N GLN A 32 7.69 2.66 -3.92
CA GLN A 32 7.14 3.98 -4.17
C GLN A 32 8.27 4.92 -4.51
N PHE A 33 8.09 5.70 -5.57
CA PHE A 33 9.15 6.61 -6.01
C PHE A 33 8.70 8.07 -6.10
N VAL A 34 7.40 8.34 -5.99
CA VAL A 34 6.85 9.70 -6.07
C VAL A 34 5.58 9.88 -5.26
N ARG A 35 5.29 11.14 -4.96
CA ARG A 35 4.04 11.47 -4.24
C ARG A 35 3.57 12.91 -4.43
N PHE A 36 2.29 13.14 -4.16
CA PHE A 36 1.68 14.45 -4.23
C PHE A 36 0.48 14.48 -3.29
N ASP A 37 0.30 15.59 -2.60
CA ASP A 37 -0.79 15.77 -1.64
C ASP A 37 -1.31 17.21 -1.70
N SER A 38 -2.54 17.36 -2.17
CA SER A 38 -3.10 18.69 -2.37
C SER A 38 -3.03 19.52 -1.07
N ASP A 39 -3.14 18.85 0.07
CA ASP A 39 -3.12 19.52 1.37
C ASP A 39 -1.74 20.01 1.85
N ALA A 40 -0.69 19.70 1.11
CA ALA A 40 0.66 20.14 1.51
C ALA A 40 0.78 21.66 1.43
N ALA A 41 1.47 22.26 2.39
CA ALA A 41 1.63 23.72 2.42
C ALA A 41 2.02 24.23 1.04
N SER A 42 2.92 23.51 0.37
CA SER A 42 3.24 23.79 -1.02
C SER A 42 3.14 22.51 -1.86
N PRO A 43 1.96 22.25 -2.42
CA PRO A 43 1.67 21.00 -3.14
C PRO A 43 2.62 20.83 -4.30
N ARG A 44 3.47 19.84 -4.24
CA ARG A 44 4.23 19.51 -5.40
C ARG A 44 4.50 18.03 -5.46
N MET A 45 4.82 17.56 -6.64
CA MET A 45 5.19 16.18 -6.84
C MET A 45 6.59 16.00 -6.29
N GLU A 46 6.73 15.16 -5.28
CA GLU A 46 8.01 14.97 -4.62
C GLU A 46 8.54 13.55 -4.77
N PRO A 47 9.87 13.39 -4.69
CA PRO A 47 10.54 12.11 -4.90
C PRO A 47 10.52 11.24 -3.65
N ARG A 48 10.40 9.94 -3.82
CA ARG A 48 10.38 9.05 -2.70
C ARG A 48 11.37 7.92 -2.81
N ALA A 49 12.16 7.95 -3.87
CA ALA A 49 13.26 7.02 -4.06
C ALA A 49 14.45 7.77 -4.65
N PRO A 50 15.66 7.46 -4.17
CA PRO A 50 16.89 8.14 -4.59
C PRO A 50 17.00 8.29 -6.10
N TRP A 51 16.58 7.28 -6.85
CA TRP A 51 16.83 7.25 -8.28
C TRP A 51 15.91 8.12 -9.14
N VAL A 52 15.05 8.91 -8.51
CA VAL A 52 14.29 9.90 -9.25
C VAL A 52 14.78 11.31 -8.95
N GLU A 53 15.50 11.46 -7.84
CA GLU A 53 15.95 12.77 -7.40
C GLU A 53 16.75 13.46 -8.49
N GLN A 54 17.41 12.65 -9.31
CA GLN A 54 18.27 13.15 -10.38
C GLN A 54 17.48 13.83 -11.50
N GLU A 55 16.19 13.52 -11.59
CA GLU A 55 15.37 14.15 -12.61
C GLU A 55 15.44 15.66 -12.48
N GLY A 56 15.42 16.35 -13.62
CA GLY A 56 15.67 17.78 -13.65
C GLY A 56 14.45 18.64 -13.34
N PRO A 57 14.69 19.94 -13.14
CA PRO A 57 13.66 20.92 -12.80
C PRO A 57 12.45 20.83 -13.74
N GLU A 58 12.66 20.57 -15.02
CA GLU A 58 11.53 20.55 -15.95
C GLU A 58 10.60 19.37 -15.66
N TYR A 59 11.17 18.31 -15.08
CA TYR A 59 10.41 17.11 -14.78
C TYR A 59 9.46 17.41 -13.64
N TRP A 60 10.01 17.93 -12.55
CA TRP A 60 9.22 18.18 -11.34
C TRP A 60 8.15 19.25 -11.49
N GLU A 61 8.40 20.25 -12.33
CA GLU A 61 7.40 21.29 -12.56
C GLU A 61 6.30 20.76 -13.47
N ARG A 62 6.69 19.86 -14.37
CA ARG A 62 5.74 19.24 -15.28
C ARG A 62 4.83 18.29 -14.51
N GLU A 63 5.41 17.53 -13.59
CA GLU A 63 4.64 16.61 -12.74
C GLU A 63 3.73 17.38 -11.78
N THR A 64 4.26 18.43 -11.17
CA THR A 64 3.48 19.26 -10.26
C THR A 64 2.31 19.87 -11.01
N ARG A 65 2.59 20.41 -12.19
CA ARG A 65 1.57 20.90 -13.11
C ARG A 65 0.48 19.85 -13.32
N ASN A 66 0.89 18.63 -13.67
CA ASN A 66 -0.05 17.54 -13.95
C ASN A 66 -0.95 17.21 -12.77
N MET A 67 -0.37 17.20 -11.58
CA MET A 67 -1.11 16.87 -10.38
C MET A 67 -2.13 17.94 -10.00
N LYS A 68 -1.82 19.19 -10.28
CA LYS A 68 -2.74 20.27 -9.96
C LYS A 68 -3.93 20.22 -10.91
N GLU A 69 -3.67 19.95 -12.19
CA GLU A 69 -4.73 19.71 -13.16
C GLU A 69 -5.55 18.48 -12.75
N ALA A 70 -4.86 17.48 -12.20
CA ALA A 70 -5.49 16.25 -11.74
C ALA A 70 -6.52 16.56 -10.66
N THR A 71 -6.11 17.28 -9.63
CA THR A 71 -7.03 17.59 -8.54
C THR A 71 -8.26 18.32 -9.06
N GLN A 72 -8.07 19.21 -10.02
CA GLN A 72 -9.20 19.91 -10.60
C GLN A 72 -10.11 18.93 -11.35
N ASN A 73 -9.51 18.08 -12.16
CA ASN A 73 -10.26 17.09 -12.93
C ASN A 73 -11.09 16.16 -12.05
N PHE A 74 -10.47 15.62 -11.02
CA PHE A 74 -11.19 14.72 -10.13
C PHE A 74 -12.24 15.44 -9.28
N ARG A 75 -12.01 16.72 -8.98
CA ARG A 75 -13.03 17.49 -8.27
C ARG A 75 -14.28 17.58 -9.13
N VAL A 76 -14.10 17.87 -10.41
CA VAL A 76 -15.22 17.85 -11.34
C VAL A 76 -15.85 16.46 -11.38
N GLY A 77 -14.99 15.44 -11.50
CA GLY A 77 -15.43 14.06 -11.51
C GLY A 77 -16.35 13.72 -10.36
N LEU A 78 -15.92 14.05 -9.14
CA LEU A 78 -16.74 13.85 -7.93
C LEU A 78 -18.09 14.56 -8.04
N ASN A 79 -18.06 15.81 -8.48
CA ASN A 79 -19.27 16.61 -8.56
C ASN A 79 -20.25 16.07 -9.60
N THR A 80 -19.72 15.70 -10.77
CA THR A 80 -20.53 15.13 -11.83
C THR A 80 -21.17 13.80 -11.41
N LEU A 81 -20.34 12.86 -10.97
CA LEU A 81 -20.84 11.57 -10.51
C LEU A 81 -21.85 11.71 -9.37
N HIS A 82 -21.57 12.61 -8.44
CA HIS A 82 -22.52 12.90 -7.37
C HIS A 82 -23.89 13.24 -7.95
N GLY A 83 -23.88 13.94 -9.07
CA GLY A 83 -25.10 14.28 -9.78
C GLY A 83 -25.78 13.04 -10.36
N TYR A 84 -25.01 12.23 -11.08
CA TYR A 84 -25.53 10.99 -11.64
C TYR A 84 -26.35 10.20 -10.61
N TYR A 85 -25.75 9.94 -9.45
CA TYR A 85 -26.36 9.05 -8.47
C TYR A 85 -27.44 9.70 -7.63
N ASN A 86 -27.62 11.01 -7.82
CA ASN A 86 -28.54 11.81 -7.00
C ASN A 86 -28.40 11.53 -5.51
N GLN A 87 -27.16 11.59 -5.03
CA GLN A 87 -26.86 11.35 -3.62
C GLN A 87 -27.12 12.60 -2.78
N SER A 88 -27.29 12.41 -1.49
CA SER A 88 -27.50 13.54 -0.57
C SER A 88 -26.25 14.42 -0.43
N GLU A 89 -26.48 15.69 -0.08
CA GLU A 89 -25.38 16.62 0.13
C GLU A 89 -24.53 16.18 1.32
N ALA A 90 -25.05 15.23 2.08
CA ALA A 90 -24.43 14.74 3.33
C ALA A 90 -22.90 14.61 3.34
N GLY A 91 -22.42 13.39 3.18
CA GLY A 91 -21.05 13.05 3.51
C GLY A 91 -19.99 13.02 2.41
N SER A 92 -18.86 12.41 2.75
CA SER A 92 -17.72 12.37 1.85
C SER A 92 -17.94 11.34 0.75
N HIS A 93 -17.30 11.56 -0.39
CA HIS A 93 -17.30 10.60 -1.47
C HIS A 93 -15.90 10.53 -2.07
N THR A 94 -15.59 9.40 -2.68
CA THR A 94 -14.23 9.16 -3.13
C THR A 94 -14.18 8.78 -4.60
N LEU A 95 -13.17 9.30 -5.29
CA LEU A 95 -12.93 8.94 -6.68
C LEU A 95 -11.47 8.53 -6.77
N GLN A 96 -11.24 7.28 -7.18
CA GLN A 96 -9.89 6.73 -7.25
C GLN A 96 -9.54 6.32 -8.67
N ARG A 97 -8.26 6.37 -9.00
CA ARG A 97 -7.79 5.86 -10.27
C ARG A 97 -6.45 5.13 -10.09
N MET A 98 -6.33 3.98 -10.74
CA MET A 98 -5.03 3.32 -10.83
C MET A 98 -4.77 3.02 -12.29
N TYR A 99 -3.59 3.43 -12.74
CA TYR A 99 -3.17 3.17 -14.11
C TYR A 99 -1.69 2.85 -14.12
N GLY A 100 -1.17 2.53 -15.30
CA GLY A 100 0.22 2.14 -15.44
C GLY A 100 0.40 1.02 -16.46
N CYS A 101 1.50 0.29 -16.34
CA CYS A 101 1.83 -0.72 -17.33
C CYS A 101 2.76 -1.82 -16.83
N ASP A 102 2.62 -3.00 -17.41
CA ASP A 102 3.50 -4.12 -17.11
C ASP A 102 4.40 -4.40 -18.31
N VAL A 103 5.69 -4.58 -18.04
CA VAL A 103 6.64 -4.96 -19.07
C VAL A 103 7.23 -6.33 -18.77
N GLY A 104 7.39 -7.15 -19.80
CA GLY A 104 7.91 -8.50 -19.63
C GLY A 104 9.42 -8.50 -19.42
N PRO A 105 10.01 -9.71 -19.24
CA PRO A 105 11.47 -9.80 -19.12
C PRO A 105 12.17 -9.28 -20.38
N ASP A 106 11.45 -9.22 -21.49
CA ASP A 106 12.04 -8.76 -22.74
C ASP A 106 12.01 -7.23 -22.84
N GLY A 107 11.25 -6.60 -21.95
CA GLY A 107 11.16 -5.15 -21.92
C GLY A 107 10.06 -4.60 -22.82
N ARG A 108 9.07 -5.45 -23.08
CA ARG A 108 7.96 -5.07 -23.95
C ARG A 108 6.67 -4.99 -23.17
N LEU A 109 5.68 -4.30 -23.74
CA LEU A 109 4.39 -4.13 -23.09
C LEU A 109 3.63 -5.46 -22.96
N LEU A 110 3.37 -5.85 -21.72
CA LEU A 110 2.60 -7.04 -21.43
C LEU A 110 1.11 -6.68 -21.33
N ARG A 111 0.80 -5.73 -20.44
CA ARG A 111 -0.57 -5.22 -20.29
C ARG A 111 -0.61 -3.77 -19.79
N GLY A 112 -1.57 -3.01 -20.31
CA GLY A 112 -1.81 -1.66 -19.83
C GLY A 112 -3.17 -1.56 -19.15
N TYR A 113 -3.25 -0.77 -18.08
CA TYR A 113 -4.50 -0.61 -17.34
C TYR A 113 -4.76 0.82 -16.89
N ARG A 114 -6.04 1.11 -16.64
CA ARG A 114 -6.47 2.46 -16.32
C ARG A 114 -7.91 2.43 -15.84
N GLN A 115 -8.10 2.05 -14.58
CA GLN A 115 -9.43 1.86 -14.03
C GLN A 115 -9.79 2.85 -12.92
N ASP A 116 -11.07 3.23 -12.88
CA ASP A 116 -11.56 4.18 -11.89
C ASP A 116 -12.54 3.52 -10.95
N ALA A 117 -12.58 4.01 -9.71
CA ALA A 117 -13.54 3.56 -8.72
C ALA A 117 -14.23 4.74 -8.04
N TYR A 118 -15.52 4.59 -7.77
CA TYR A 118 -16.26 5.60 -7.06
C TYR A 118 -16.77 5.04 -5.74
N ASP A 119 -16.49 5.75 -4.65
CA ASP A 119 -16.85 5.28 -3.31
C ASP A 119 -16.42 3.83 -3.04
N GLY A 120 -15.27 3.44 -3.57
CA GLY A 120 -14.65 2.18 -3.21
C GLY A 120 -15.00 1.00 -4.10
N ALA A 121 -15.76 1.24 -5.17
CA ALA A 121 -16.19 0.16 -6.05
C ALA A 121 -15.91 0.53 -7.50
N ASP A 122 -15.62 -0.49 -8.30
CA ASP A 122 -15.39 -0.32 -9.73
C ASP A 122 -16.41 0.63 -10.31
N TYR A 123 -15.96 1.52 -11.18
CA TYR A 123 -16.86 2.44 -11.85
C TYR A 123 -16.71 2.28 -13.35
N ILE A 124 -15.49 2.38 -13.82
CA ILE A 124 -15.23 2.28 -15.25
C ILE A 124 -13.77 1.97 -15.44
N ALA A 125 -13.49 1.11 -16.42
CA ALA A 125 -12.12 0.66 -16.65
C ALA A 125 -11.82 0.56 -18.13
N LEU A 126 -10.58 0.83 -18.50
CA LEU A 126 -10.14 0.66 -19.87
C LEU A 126 -9.80 -0.81 -20.08
N ASN A 127 -10.47 -1.44 -21.03
CA ASN A 127 -10.29 -2.87 -21.28
C ASN A 127 -8.91 -3.20 -21.79
N GLU A 128 -8.50 -4.45 -21.62
CA GLU A 128 -7.14 -4.88 -21.92
C GLU A 128 -6.71 -4.55 -23.35
N ASP A 129 -7.68 -4.35 -24.23
CA ASP A 129 -7.38 -3.99 -25.62
C ASP A 129 -7.13 -2.50 -25.77
N LEU A 130 -7.21 -1.77 -24.66
CA LEU A 130 -6.94 -0.33 -24.64
C LEU A 130 -7.73 0.42 -25.71
N ARG A 131 -8.99 0.04 -25.90
CA ARG A 131 -9.81 0.66 -26.92
C ARG A 131 -11.27 0.79 -26.51
N SER A 132 -11.69 -0.03 -25.56
CA SER A 132 -13.08 -0.02 -25.09
C SER A 132 -13.15 0.16 -23.58
N TRP A 133 -14.33 0.45 -23.08
CA TRP A 133 -14.54 0.62 -21.64
C TRP A 133 -15.56 -0.36 -21.10
N THR A 134 -15.37 -0.76 -19.85
CA THR A 134 -16.40 -1.49 -19.13
C THR A 134 -17.01 -0.58 -18.07
N ALA A 135 -18.30 -0.27 -18.25
CA ALA A 135 -19.04 0.50 -17.27
C ALA A 135 -19.70 -0.43 -16.26
N ALA A 136 -19.46 -0.19 -14.98
CA ALA A 136 -19.98 -1.06 -13.93
C ALA A 136 -21.45 -0.82 -13.65
N ASP A 137 -21.97 0.34 -14.07
CA ASP A 137 -23.38 0.66 -13.83
C ASP A 137 -23.95 1.75 -14.74
N ALA A 138 -25.22 2.08 -14.50
CA ALA A 138 -25.92 3.06 -15.31
C ALA A 138 -25.16 4.37 -15.45
N ALA A 139 -24.62 4.88 -14.35
CA ALA A 139 -23.89 6.15 -14.34
C ALA A 139 -22.61 6.05 -15.16
N ALA A 140 -21.86 4.99 -14.92
CA ALA A 140 -20.58 4.79 -15.60
C ALA A 140 -20.78 4.74 -17.11
N GLN A 141 -21.95 4.28 -17.54
CA GLN A 141 -22.27 4.23 -18.96
C GLN A 141 -22.34 5.63 -19.57
N ILE A 142 -22.90 6.57 -18.81
CA ILE A 142 -22.93 7.95 -19.26
C ILE A 142 -21.49 8.43 -19.49
N THR A 143 -20.62 8.15 -18.52
CA THR A 143 -19.21 8.50 -18.64
C THR A 143 -18.61 7.83 -19.87
N ARG A 144 -18.87 6.54 -20.03
CA ARG A 144 -18.39 5.80 -21.19
C ARG A 144 -18.66 6.58 -22.46
N ARG A 145 -19.92 6.99 -22.64
CA ARG A 145 -20.31 7.77 -23.81
C ARG A 145 -19.38 8.96 -23.99
N LYS A 146 -19.25 9.75 -22.94
CA LYS A 146 -18.44 10.96 -22.96
C LYS A 146 -17.04 10.65 -23.40
N ARG A 147 -16.47 9.58 -22.90
CA ARG A 147 -15.10 9.20 -23.20
C ARG A 147 -14.93 8.70 -24.63
N GLU A 148 -15.96 8.01 -25.13
CA GLU A 148 -15.92 7.51 -26.50
C GLU A 148 -16.01 8.67 -27.49
N GLU A 149 -16.88 9.63 -27.21
CA GLU A 149 -17.07 10.78 -28.07
C GLU A 149 -15.93 11.78 -27.96
N ALA A 150 -15.12 11.65 -26.91
CA ALA A 150 -13.99 12.53 -26.72
C ALA A 150 -12.68 11.88 -27.16
N GLY A 151 -12.72 10.57 -27.38
CA GLY A 151 -11.54 9.86 -27.86
C GLY A 151 -10.50 9.67 -26.77
N GLU A 152 -10.96 9.56 -25.54
CA GLU A 152 -10.09 9.41 -24.38
C GLU A 152 -9.29 8.11 -24.46
N ALA A 153 -9.92 7.07 -25.00
CA ALA A 153 -9.27 5.77 -25.12
C ALA A 153 -7.95 5.85 -25.88
N GLU A 154 -7.96 6.51 -27.03
CA GLU A 154 -6.77 6.61 -27.85
C GLU A 154 -5.67 7.32 -27.07
N GLN A 155 -6.03 8.44 -26.45
CA GLN A 155 -5.08 9.23 -25.66
C GLN A 155 -4.38 8.37 -24.63
N CYS A 156 -5.17 7.60 -23.89
CA CYS A 156 -4.65 6.70 -22.88
C CYS A 156 -3.72 5.62 -23.47
N ARG A 157 -4.12 5.04 -24.59
CA ARG A 157 -3.29 4.03 -25.24
C ARG A 157 -1.95 4.60 -25.65
N ASN A 158 -1.96 5.78 -26.26
CA ASN A 158 -0.73 6.45 -26.66
C ASN A 158 0.27 6.57 -25.53
N TYR A 159 -0.24 6.83 -24.33
CA TYR A 159 0.62 6.97 -23.16
C TYR A 159 1.05 5.60 -22.62
N LEU A 160 0.09 4.69 -22.51
CA LEU A 160 0.35 3.37 -21.93
C LEU A 160 1.38 2.56 -22.75
N GLU A 161 1.39 2.75 -24.04
CA GLU A 161 2.24 2.00 -24.92
C GLU A 161 3.61 2.64 -25.02
N GLY A 162 3.62 3.93 -25.30
CA GLY A 162 4.86 4.67 -25.40
C GLY A 162 5.40 5.15 -24.06
N THR A 163 4.98 6.36 -23.68
CA THR A 163 5.53 7.03 -22.50
C THR A 163 5.65 6.13 -21.28
N CYS A 164 4.55 5.49 -20.89
CA CYS A 164 4.54 4.68 -19.68
C CYS A 164 5.69 3.66 -19.67
N VAL A 165 5.81 2.91 -20.77
CA VAL A 165 6.84 1.88 -20.87
C VAL A 165 8.24 2.48 -20.88
N GLU A 166 8.47 3.46 -21.74
CA GLU A 166 9.78 4.08 -21.78
C GLU A 166 10.28 4.47 -20.42
N TRP A 167 9.52 5.32 -19.75
CA TRP A 167 9.95 5.80 -18.45
C TRP A 167 10.10 4.69 -17.41
N LEU A 168 9.25 3.67 -17.50
CA LEU A 168 9.37 2.51 -16.64
C LEU A 168 10.77 1.89 -16.80
N LEU A 169 11.18 1.69 -18.04
CA LEU A 169 12.51 1.15 -18.34
C LEU A 169 13.58 2.11 -17.85
N ARG A 170 13.37 3.39 -18.07
CA ARG A 170 14.28 4.41 -17.60
C ARG A 170 14.50 4.35 -16.12
N TYR A 171 13.42 4.35 -15.34
CA TYR A 171 13.51 4.21 -13.89
C TYR A 171 14.19 2.89 -13.52
N LEU A 172 13.85 1.84 -14.24
CA LEU A 172 14.48 0.57 -14.00
C LEU A 172 15.99 0.61 -14.17
N GLU A 173 16.45 1.20 -15.26
CA GLU A 173 17.88 1.44 -15.46
C GLU A 173 18.48 2.31 -14.36
N ASN A 174 17.86 3.46 -14.12
CA ASN A 174 18.39 4.44 -13.15
C ASN A 174 18.43 3.94 -11.71
N GLY A 175 17.53 3.03 -11.34
CA GLY A 175 17.50 2.50 -10.00
C GLY A 175 17.85 1.03 -9.92
N ASN A 176 18.61 0.55 -10.90
CA ASN A 176 18.86 -0.88 -11.04
C ASN A 176 19.41 -1.57 -9.79
N GLU A 177 20.27 -0.89 -9.05
CA GLU A 177 20.92 -1.50 -7.89
C GLU A 177 19.96 -1.83 -6.75
N THR A 178 18.72 -1.37 -6.85
CA THR A 178 17.72 -1.64 -5.83
C THR A 178 16.47 -2.27 -6.44
N LEU A 179 16.07 -1.79 -7.61
CA LEU A 179 14.88 -2.29 -8.27
C LEU A 179 15.06 -3.70 -8.82
N GLN A 180 16.25 -3.99 -9.33
CA GLN A 180 16.52 -5.30 -9.93
C GLN A 180 17.28 -6.17 -8.95
N ARG A 181 17.16 -5.85 -7.66
CA ARG A 181 17.88 -6.57 -6.62
C ARG A 181 16.91 -7.10 -5.57
N ALA A 182 16.99 -8.39 -5.31
CA ALA A 182 16.14 -9.02 -4.31
C ALA A 182 16.91 -9.24 -3.01
N ASP A 183 16.31 -8.85 -1.90
CA ASP A 183 16.90 -9.05 -0.59
C ASP A 183 16.24 -10.25 0.07
N ALA A 184 17.06 -11.15 0.60
CA ALA A 184 16.54 -12.37 1.20
C ALA A 184 16.07 -12.13 2.62
N PRO A 185 14.98 -12.79 3.02
CA PRO A 185 14.44 -12.66 4.37
C PRO A 185 15.40 -13.22 5.42
N LYS A 186 15.60 -12.48 6.49
CA LYS A 186 16.36 -12.97 7.63
C LYS A 186 15.36 -13.63 8.58
N THR A 187 15.52 -14.94 8.76
CA THR A 187 14.50 -15.75 9.41
C THR A 187 14.92 -16.34 10.75
N HIS A 188 13.96 -16.51 11.64
CA HIS A 188 14.22 -17.15 12.93
C HIS A 188 12.92 -17.63 13.57
N VAL A 189 13.05 -18.38 14.66
CA VAL A 189 11.88 -18.89 15.36
C VAL A 189 11.91 -18.52 16.82
N THR A 190 10.80 -17.94 17.30
CA THR A 190 10.69 -17.59 18.71
C THR A 190 9.76 -18.54 19.47
N HIS A 191 9.95 -18.60 20.78
CA HIS A 191 9.36 -19.62 21.61
C HIS A 191 8.53 -18.96 22.70
N HIS A 192 7.21 -19.12 22.64
CA HIS A 192 6.35 -18.49 23.64
C HIS A 192 5.41 -19.48 24.31
N PRO A 193 5.79 -19.95 25.50
CA PRO A 193 4.99 -20.88 26.29
C PRO A 193 3.68 -20.27 26.76
N ILE A 194 2.58 -20.99 26.52
CA ILE A 194 1.27 -20.56 26.97
C ILE A 194 0.99 -21.15 28.35
N SER A 195 1.20 -22.46 28.48
CA SER A 195 1.05 -23.16 29.75
C SER A 195 2.10 -24.27 29.88
N ASP A 196 1.94 -25.11 30.89
CA ASP A 196 2.86 -26.22 31.10
C ASP A 196 2.67 -27.27 30.01
N HIS A 197 1.65 -27.07 29.18
CA HIS A 197 1.26 -28.09 28.23
C HIS A 197 1.31 -27.59 26.79
N GLU A 198 1.08 -26.30 26.61
CA GLU A 198 1.12 -25.70 25.29
C GLU A 198 2.08 -24.52 25.13
N VAL A 199 2.77 -24.47 24.00
CA VAL A 199 3.66 -23.35 23.68
C VAL A 199 3.43 -22.91 22.25
N THR A 200 3.65 -21.62 22.00
CA THR A 200 3.52 -21.06 20.68
C THR A 200 4.89 -20.99 20.01
N LEU A 201 4.95 -21.38 18.75
CA LEU A 201 6.17 -21.27 17.98
C LEU A 201 5.93 -20.31 16.83
N ARG A 202 6.69 -19.22 16.82
CA ARG A 202 6.51 -18.17 15.81
C ARG A 202 7.71 -18.09 14.88
N CYS A 203 7.43 -18.15 13.58
CA CYS A 203 8.47 -18.14 12.56
C CYS A 203 8.49 -16.81 11.82
N TRP A 204 9.63 -16.11 11.88
CA TRP A 204 9.75 -14.75 11.36
C TRP A 204 10.55 -14.65 10.06
N ALA A 205 10.04 -13.87 9.12
CA ALA A 205 10.80 -13.44 7.96
C ALA A 205 10.91 -11.92 8.01
N LEU A 206 12.14 -11.41 8.17
CA LEU A 206 12.35 -9.97 8.31
C LEU A 206 13.27 -9.43 7.22
N GLY A 207 13.09 -8.15 6.90
CA GLY A 207 14.00 -7.43 6.02
C GLY A 207 14.14 -7.96 4.60
N PHE A 208 13.04 -8.41 4.02
CA PHE A 208 13.08 -8.93 2.66
C PHE A 208 12.44 -8.01 1.65
N TYR A 209 12.81 -8.20 0.39
CA TYR A 209 12.21 -7.48 -0.73
C TYR A 209 12.38 -8.36 -1.97
N PRO A 210 11.31 -8.52 -2.78
CA PRO A 210 10.04 -7.79 -2.69
C PRO A 210 9.08 -8.39 -1.68
N GLU A 211 7.83 -7.92 -1.72
CA GLU A 211 6.80 -8.27 -0.76
C GLU A 211 6.42 -9.75 -0.81
N GLU A 212 6.15 -10.25 -2.01
CA GLU A 212 5.79 -11.66 -2.21
C GLU A 212 6.69 -12.63 -1.43
N ILE A 213 6.07 -13.47 -0.60
CA ILE A 213 6.82 -14.46 0.16
C ILE A 213 5.91 -15.59 0.63
N SER A 214 6.50 -16.72 1.01
CA SER A 214 5.72 -17.84 1.52
C SER A 214 6.27 -18.44 2.79
N LEU A 215 5.43 -18.51 3.82
CA LEU A 215 5.81 -19.11 5.10
C LEU A 215 4.82 -20.22 5.43
N SER A 216 5.33 -21.31 6.00
CA SER A 216 4.47 -22.42 6.38
C SER A 216 5.10 -23.33 7.42
N TRP A 217 4.27 -24.01 8.21
CA TRP A 217 4.73 -24.96 9.21
C TRP A 217 4.44 -26.41 8.83
N GLN A 218 5.33 -27.31 9.22
CA GLN A 218 5.15 -28.73 8.97
C GLN A 218 5.36 -29.54 10.25
N ARG A 219 4.57 -30.59 10.40
CA ARG A 219 4.77 -31.54 11.49
C ARG A 219 5.37 -32.83 10.94
N ASP A 220 6.51 -33.23 11.46
CA ASP A 220 7.16 -34.47 11.07
C ASP A 220 7.45 -34.54 9.57
N GLY A 221 7.23 -33.42 8.88
CA GLY A 221 7.47 -33.36 7.45
C GLY A 221 6.21 -33.11 6.65
N GLU A 222 5.06 -33.24 7.28
CA GLU A 222 3.80 -33.02 6.59
C GLU A 222 3.15 -31.70 7.01
N ASP A 223 2.60 -30.99 6.04
CA ASP A 223 2.05 -29.67 6.21
C ASP A 223 1.13 -29.66 7.38
N VAL A 224 0.37 -28.59 7.48
CA VAL A 224 -0.66 -28.40 8.47
C VAL A 224 -1.00 -26.92 8.60
N THR A 225 -1.38 -26.29 7.51
CA THR A 225 -1.71 -24.88 7.55
C THR A 225 -2.85 -24.58 8.49
N GLN A 226 -4.01 -25.16 8.21
CA GLN A 226 -5.26 -24.88 8.91
C GLN A 226 -5.07 -24.49 10.39
N ASP A 227 -3.99 -24.96 10.96
CA ASP A 227 -3.67 -24.60 12.30
C ASP A 227 -2.78 -23.36 12.43
N THR A 228 -2.56 -22.59 11.36
CA THR A 228 -1.50 -21.62 11.42
C THR A 228 -1.97 -20.20 11.49
N GLU A 229 -1.39 -19.45 12.41
CA GLU A 229 -1.73 -18.04 12.56
C GLU A 229 -0.76 -17.19 11.76
N PHE A 230 -1.28 -16.41 10.81
CA PHE A 230 -0.45 -15.49 10.06
C PHE A 230 -0.67 -14.05 10.53
N VAL A 231 0.19 -13.16 10.06
CA VAL A 231 -0.13 -11.73 10.01
C VAL A 231 0.04 -11.33 8.56
N GLU A 232 -0.71 -10.34 8.12
CA GLU A 232 -0.52 -9.81 6.77
C GLU A 232 0.90 -9.28 6.65
N THR A 233 1.49 -9.44 5.48
CA THR A 233 2.82 -8.93 5.23
C THR A 233 2.84 -7.41 5.39
N ARG A 234 3.77 -6.93 6.20
CA ARG A 234 3.79 -5.53 6.59
C ARG A 234 5.13 -4.88 6.23
N PRO A 235 5.10 -3.55 5.99
CA PRO A 235 6.30 -2.80 5.63
C PRO A 235 7.08 -2.38 6.87
N ALA A 236 8.39 -2.54 6.85
CA ALA A 236 9.25 -2.19 7.97
C ALA A 236 9.46 -0.68 8.06
N GLY A 237 9.29 0.00 6.93
CA GLY A 237 9.48 1.44 6.86
C GLY A 237 10.80 1.78 6.18
N ASP A 238 11.58 0.76 5.87
CA ASP A 238 12.89 0.95 5.26
C ASP A 238 12.85 0.41 3.84
N ARG A 239 11.65 0.30 3.30
CA ARG A 239 11.42 -0.23 1.96
C ARG A 239 11.38 -1.78 1.90
N THR A 240 11.77 -2.43 3.00
CA THR A 240 11.70 -3.90 3.09
C THR A 240 10.45 -4.36 3.87
N PHE A 241 10.22 -5.66 3.94
CA PHE A 241 8.99 -6.21 4.52
C PHE A 241 9.19 -7.24 5.64
N GLN A 242 8.11 -7.48 6.38
CA GLN A 242 8.12 -8.44 7.49
C GLN A 242 6.90 -9.37 7.42
N LYS A 243 7.01 -10.53 8.05
CA LYS A 243 5.92 -11.48 8.16
C LYS A 243 6.23 -12.56 9.17
N TRP A 244 5.22 -13.03 9.89
CA TRP A 244 5.38 -14.21 10.72
C TRP A 244 4.20 -15.17 10.62
N ALA A 245 4.46 -16.43 10.98
CA ALA A 245 3.44 -17.45 11.03
C ALA A 245 3.69 -18.24 12.30
N ALA A 246 2.63 -18.47 13.07
CA ALA A 246 2.77 -19.17 14.34
C ALA A 246 1.89 -20.40 14.40
N VAL A 247 2.26 -21.34 15.27
CA VAL A 247 1.44 -22.51 15.55
C VAL A 247 1.55 -22.86 17.02
N VAL A 248 0.43 -23.21 17.64
CA VAL A 248 0.46 -23.69 19.01
C VAL A 248 0.78 -25.17 18.97
N VAL A 249 1.70 -25.59 19.83
CA VAL A 249 2.20 -26.96 19.82
C VAL A 249 2.32 -27.50 21.23
N PRO A 250 2.22 -28.82 21.38
CA PRO A 250 2.36 -29.47 22.70
C PRO A 250 3.77 -29.30 23.23
N SER A 251 3.89 -28.87 24.48
CA SER A 251 5.20 -28.71 25.08
C SER A 251 5.93 -30.04 25.08
N GLY A 252 7.08 -30.08 24.40
CA GLY A 252 7.86 -31.30 24.28
C GLY A 252 7.90 -31.81 22.86
N GLU A 253 7.01 -31.28 22.03
CA GLU A 253 6.90 -31.74 20.64
C GLU A 253 7.49 -30.73 19.65
N GLU A 254 8.22 -29.74 20.17
CA GLU A 254 8.77 -28.69 19.32
C GLU A 254 9.63 -29.25 18.19
N GLN A 255 10.32 -30.35 18.46
CA GLN A 255 11.20 -30.98 17.48
C GLN A 255 10.46 -31.37 16.21
N ARG A 256 9.21 -31.79 16.36
CA ARG A 256 8.42 -32.28 15.23
C ARG A 256 8.15 -31.22 14.16
N TYR A 257 8.25 -29.95 14.55
CA TYR A 257 7.87 -28.85 13.67
C TYR A 257 9.05 -28.20 12.96
N THR A 258 8.83 -27.83 11.71
CA THR A 258 9.81 -27.06 10.96
C THR A 258 9.09 -25.98 10.19
N CYS A 259 9.66 -24.77 10.19
CA CYS A 259 9.09 -23.69 9.40
C CYS A 259 9.76 -23.66 8.04
N HIS A 260 8.99 -23.37 7.00
CA HIS A 260 9.50 -23.40 5.65
C HIS A 260 9.28 -22.07 4.93
N VAL A 261 10.37 -21.50 4.41
CA VAL A 261 10.33 -20.18 3.80
C VAL A 261 10.80 -20.17 2.36
N GLN A 262 9.96 -19.64 1.48
CA GLN A 262 10.33 -19.48 0.08
C GLN A 262 10.25 -18.00 -0.29
N HIS A 263 11.33 -17.49 -0.84
CA HIS A 263 11.37 -16.10 -1.30
C HIS A 263 12.33 -15.95 -2.47
N GLU A 264 12.04 -15.03 -3.38
CA GLU A 264 12.84 -14.81 -4.57
C GLU A 264 14.33 -14.60 -4.25
N GLY A 265 14.62 -14.09 -3.06
CA GLY A 265 15.99 -13.76 -2.70
C GLY A 265 16.79 -14.94 -2.20
N LEU A 266 16.13 -16.06 -1.98
CA LEU A 266 16.80 -17.25 -1.50
C LEU A 266 17.18 -18.19 -2.65
N ALA A 267 18.46 -18.55 -2.72
CA ALA A 267 18.92 -19.50 -3.72
C ALA A 267 18.05 -20.76 -3.71
N GLU A 268 17.73 -21.23 -2.50
CA GLU A 268 16.93 -22.43 -2.32
C GLU A 268 16.06 -22.24 -1.09
N PRO A 269 14.89 -22.89 -1.06
CA PRO A 269 13.98 -22.78 0.08
C PRO A 269 14.69 -23.07 1.39
N VAL A 270 14.30 -22.37 2.44
CA VAL A 270 14.93 -22.49 3.74
C VAL A 270 14.06 -23.30 4.70
N THR A 271 14.70 -23.95 5.67
CA THR A 271 14.00 -24.72 6.67
C THR A 271 14.50 -24.34 8.06
N LEU A 272 13.60 -23.87 8.93
CA LEU A 272 14.00 -23.52 10.29
C LEU A 272 13.36 -24.45 11.30
N ARG A 273 13.99 -24.55 12.45
CA ARG A 273 13.43 -25.26 13.58
C ARG A 273 13.79 -24.53 14.86
N TRP A 274 13.00 -24.70 15.90
CA TRP A 274 13.30 -24.04 17.17
C TRP A 274 14.61 -24.57 17.76
N ILE B 1 -20.34 2.15 1.09
CA ILE B 1 -20.02 1.12 2.08
C ILE B 1 -18.70 1.42 2.79
N GLN B 2 -18.74 1.45 4.11
CA GLN B 2 -17.56 1.74 4.91
C GLN B 2 -16.84 0.45 5.31
N LYS B 3 -15.51 0.51 5.31
CA LYS B 3 -14.69 -0.62 5.72
C LYS B 3 -13.87 -0.24 6.94
N THR B 4 -13.98 -1.03 8.01
CA THR B 4 -13.23 -0.79 9.23
C THR B 4 -11.75 -1.03 8.97
N PRO B 5 -10.89 -0.19 9.57
CA PRO B 5 -9.44 -0.34 9.36
C PRO B 5 -8.84 -1.47 10.19
N GLN B 6 -7.90 -2.21 9.60
CA GLN B 6 -7.12 -3.21 10.33
C GLN B 6 -5.80 -2.61 10.78
N ILE B 7 -5.39 -2.94 12.00
CA ILE B 7 -4.22 -2.32 12.61
C ILE B 7 -3.12 -3.31 13.00
N GLN B 8 -1.89 -3.03 12.61
CA GLN B 8 -0.74 -3.77 13.12
C GLN B 8 0.26 -2.82 13.76
N VAL B 9 0.65 -3.11 14.98
CA VAL B 9 1.67 -2.32 15.65
C VAL B 9 2.90 -3.19 15.90
N TYR B 10 4.06 -2.71 15.45
CA TYR B 10 5.26 -3.53 15.47
C TYR B 10 6.49 -2.67 15.19
N SER B 11 7.63 -3.04 15.77
CA SER B 11 8.89 -2.32 15.57
C SER B 11 9.54 -2.65 14.23
N ARG B 12 10.46 -1.80 13.80
CA ARG B 12 11.16 -2.00 12.54
C ARG B 12 12.23 -3.10 12.66
N HIS B 13 12.98 -3.07 13.77
CA HIS B 13 13.97 -4.09 14.05
C HIS B 13 13.54 -4.81 15.32
N PRO B 14 14.10 -6.01 15.57
CA PRO B 14 13.78 -6.74 16.80
C PRO B 14 14.00 -5.85 18.01
N PRO B 15 13.11 -5.92 19.01
CA PRO B 15 13.13 -5.01 20.15
C PRO B 15 14.18 -5.37 21.19
N GLU B 16 14.99 -4.38 21.59
CA GLU B 16 15.99 -4.58 22.64
C GLU B 16 15.94 -3.41 23.63
N ASN B 17 15.45 -3.68 24.84
CA ASN B 17 15.35 -2.67 25.88
C ASN B 17 16.53 -1.69 25.90
N GLY B 18 16.24 -0.41 25.70
CA GLY B 18 17.26 0.62 25.76
C GLY B 18 17.87 0.95 24.42
N LYS B 19 17.56 0.12 23.41
CA LYS B 19 18.12 0.30 22.07
C LYS B 19 17.16 1.02 21.12
N PRO B 20 17.58 2.19 20.61
CA PRO B 20 16.76 3.02 19.71
C PRO B 20 16.21 2.22 18.53
N ASN B 21 14.90 2.30 18.35
CA ASN B 21 14.21 1.55 17.30
C ASN B 21 13.23 2.48 16.61
N ILE B 22 12.41 1.92 15.73
CA ILE B 22 11.31 2.63 15.10
C ILE B 22 10.03 1.83 15.29
N LEU B 23 9.02 2.47 15.87
CA LEU B 23 7.74 1.80 16.07
C LEU B 23 6.81 2.10 14.90
N ASN B 24 6.19 1.06 14.36
CA ASN B 24 5.28 1.21 13.22
C ASN B 24 3.81 0.98 13.59
N CYS B 25 2.93 1.73 12.94
CA CYS B 25 1.50 1.46 13.02
C CYS B 25 0.96 1.33 11.60
N TYR B 26 0.57 0.13 11.23
CA TYR B 26 0.20 -0.18 9.86
C TYR B 26 -1.29 -0.33 9.79
N VAL B 27 -1.93 0.57 9.05
CA VAL B 27 -3.38 0.64 8.99
C VAL B 27 -3.89 0.39 7.58
N THR B 28 -4.82 -0.54 7.46
CA THR B 28 -5.19 -1.06 6.15
C THR B 28 -6.67 -1.35 6.06
N GLN B 29 -7.14 -1.58 4.85
CA GLN B 29 -8.48 -2.11 4.64
C GLN B 29 -9.60 -1.14 5.03
N PHE B 30 -9.30 0.16 5.11
CA PHE B 30 -10.34 1.11 5.48
C PHE B 30 -10.91 1.88 4.29
N HIS B 31 -12.13 2.38 4.47
CA HIS B 31 -12.78 3.26 3.52
C HIS B 31 -13.90 3.98 4.26
N PRO B 32 -14.07 5.30 4.03
CA PRO B 32 -13.34 6.19 3.12
C PRO B 32 -11.93 6.47 3.59
N PRO B 33 -11.14 7.21 2.78
CA PRO B 33 -9.74 7.50 3.08
C PRO B 33 -9.53 8.50 4.21
N HIS B 34 -10.61 9.07 4.75
CA HIS B 34 -10.46 9.97 5.88
C HIS B 34 -10.14 9.18 7.14
N ILE B 35 -9.11 9.60 7.87
CA ILE B 35 -8.64 8.84 9.02
C ILE B 35 -7.73 9.66 9.91
N GLU B 36 -7.78 9.42 11.22
CA GLU B 36 -6.92 10.05 12.17
C GLU B 36 -6.15 9.00 12.91
N ILE B 37 -4.84 9.16 13.02
CA ILE B 37 -3.99 8.19 13.68
C ILE B 37 -3.00 8.84 14.62
N GLN B 38 -3.06 8.46 15.89
CA GLN B 38 -2.04 8.89 16.83
C GLN B 38 -1.32 7.69 17.45
N MET B 39 -0.10 7.93 17.91
CA MET B 39 0.67 6.90 18.56
C MET B 39 0.93 7.30 20.00
N LEU B 40 0.82 6.34 20.92
CA LEU B 40 0.83 6.63 22.34
C LEU B 40 1.99 5.97 23.09
N LYS B 41 2.58 6.75 24.00
CA LYS B 41 3.61 6.27 24.91
C LYS B 41 3.10 6.39 26.33
N ASN B 42 2.79 5.26 26.95
CA ASN B 42 2.25 5.24 28.31
C ASN B 42 0.87 5.86 28.39
N GLY B 43 0.23 6.06 27.24
CA GLY B 43 -1.11 6.61 27.18
C GLY B 43 -1.14 8.07 26.77
N LYS B 44 0.03 8.61 26.44
CA LYS B 44 0.14 10.04 26.12
C LYS B 44 0.63 10.25 24.70
N LYS B 45 -0.09 11.09 23.96
CA LYS B 45 0.20 11.38 22.55
C LYS B 45 1.69 11.57 22.30
N ILE B 46 2.17 11.08 21.16
CA ILE B 46 3.56 11.31 20.75
C ILE B 46 3.63 12.45 19.72
N PRO B 47 4.46 13.45 20.01
CA PRO B 47 4.57 14.66 19.19
C PRO B 47 4.91 14.34 17.74
N LYS B 48 6.14 13.90 17.49
CA LYS B 48 6.62 13.69 16.14
C LYS B 48 6.28 12.30 15.62
N VAL B 49 5.18 12.19 14.89
CA VAL B 49 4.82 10.93 14.24
C VAL B 49 4.81 11.09 12.74
N GLU B 50 5.57 10.31 12.03
CA GLU B 50 5.63 10.42 10.59
C GLU B 50 4.53 9.62 9.97
N MET B 51 4.08 10.07 8.82
CA MET B 51 2.93 9.51 8.14
C MET B 51 3.24 9.31 6.68
N SER B 52 3.30 8.06 6.25
CA SER B 52 3.51 7.78 4.83
C SER B 52 2.33 8.34 4.07
N ASP B 53 2.42 8.35 2.75
CA ASP B 53 1.33 8.81 1.92
C ASP B 53 0.26 7.75 1.78
N MET B 54 -1.00 8.17 1.80
CA MET B 54 -2.11 7.24 1.67
C MET B 54 -2.15 6.59 0.29
N SER B 55 -2.03 5.27 0.26
CA SER B 55 -2.12 4.50 -0.99
C SER B 55 -3.30 3.53 -0.88
N PHE B 56 -3.53 2.75 -1.93
CA PHE B 56 -4.61 1.78 -1.89
C PHE B 56 -4.33 0.51 -2.69
N SER B 57 -5.10 -0.53 -2.40
CA SER B 57 -4.84 -1.85 -2.94
C SER B 57 -5.81 -2.23 -4.03
N LYS B 58 -5.66 -3.46 -4.53
CA LYS B 58 -6.47 -3.96 -5.63
C LYS B 58 -7.97 -3.84 -5.37
N ASP B 59 -8.37 -4.06 -4.12
CA ASP B 59 -9.78 -3.95 -3.75
C ASP B 59 -10.18 -2.51 -3.43
N TRP B 60 -9.34 -1.55 -3.83
CA TRP B 60 -9.61 -0.12 -3.63
C TRP B 60 -9.51 0.34 -2.18
N SER B 61 -9.35 -0.60 -1.24
CA SER B 61 -9.23 -0.23 0.16
C SER B 61 -7.87 0.43 0.40
N PHE B 62 -7.81 1.26 1.43
CA PHE B 62 -6.67 2.13 1.67
C PHE B 62 -5.74 1.59 2.74
N TYR B 63 -4.48 1.99 2.66
CA TYR B 63 -3.53 1.66 3.71
C TYR B 63 -2.54 2.81 3.90
N ILE B 64 -1.99 2.90 5.10
CA ILE B 64 -1.03 3.92 5.43
C ILE B 64 -0.16 3.47 6.60
N LEU B 65 1.10 3.92 6.60
CA LEU B 65 2.04 3.60 7.65
C LEU B 65 2.41 4.81 8.50
N ALA B 66 2.12 4.75 9.80
CA ALA B 66 2.58 5.75 10.74
C ALA B 66 3.69 5.15 11.60
N HIS B 67 4.66 5.96 11.96
CA HIS B 67 5.79 5.49 12.73
C HIS B 67 6.50 6.63 13.45
N THR B 68 7.28 6.28 14.46
CA THR B 68 8.08 7.25 15.17
C THR B 68 9.23 6.53 15.86
N GLU B 69 10.29 7.26 16.14
CA GLU B 69 11.42 6.72 16.88
C GLU B 69 10.95 6.38 18.28
N PHE B 70 11.53 5.35 18.89
CA PHE B 70 11.26 5.04 20.27
C PHE B 70 12.32 4.11 20.85
N THR B 71 12.49 4.16 22.17
CA THR B 71 13.42 3.28 22.84
C THR B 71 12.65 2.39 23.81
N PRO B 72 12.45 1.13 23.42
CA PRO B 72 11.69 0.13 24.18
C PRO B 72 12.34 -0.09 25.53
N THR B 73 11.52 -0.26 26.56
CA THR B 73 12.02 -0.58 27.89
C THR B 73 11.17 -1.70 28.45
N GLU B 74 11.45 -2.09 29.69
CA GLU B 74 10.68 -3.14 30.33
C GLU B 74 9.27 -2.66 30.65
N THR B 75 9.15 -1.41 31.07
CA THR B 75 7.90 -0.89 31.63
C THR B 75 7.06 -0.07 30.65
N ASP B 76 7.71 0.82 29.89
CA ASP B 76 7.00 1.72 28.98
C ASP B 76 6.06 0.96 28.04
N THR B 77 4.83 1.46 27.90
CA THR B 77 3.88 0.86 26.97
C THR B 77 3.74 1.68 25.71
N TYR B 78 3.19 1.07 24.68
CA TYR B 78 3.07 1.73 23.39
C TYR B 78 1.82 1.26 22.65
N ALA B 79 1.12 2.22 22.06
CA ALA B 79 -0.15 1.94 21.43
C ALA B 79 -0.35 2.75 20.15
N CYS B 80 -1.27 2.29 19.31
CA CYS B 80 -1.72 3.08 18.18
C CYS B 80 -3.21 3.27 18.29
N ARG B 81 -3.65 4.50 18.18
CA ARG B 81 -5.04 4.82 18.28
C ARG B 81 -5.59 5.35 16.97
N VAL B 82 -6.56 4.66 16.42
CA VAL B 82 -7.07 5.02 15.12
C VAL B 82 -8.52 5.47 15.24
N LYS B 83 -8.83 6.58 14.59
CA LYS B 83 -10.18 7.11 14.57
C LYS B 83 -10.68 7.13 13.14
N HIS B 84 -11.82 6.49 12.90
CA HIS B 84 -12.36 6.37 11.55
C HIS B 84 -13.88 6.34 11.59
N ASP B 85 -14.50 6.89 10.53
CA ASP B 85 -15.95 6.99 10.47
C ASP B 85 -16.67 5.64 10.57
N SER B 86 -15.96 4.55 10.28
CA SER B 86 -16.57 3.23 10.26
C SER B 86 -16.77 2.68 11.66
N MET B 87 -16.15 3.34 12.63
CA MET B 87 -16.24 2.91 14.02
C MET B 87 -16.83 4.04 14.86
N ALA B 88 -17.53 3.69 15.93
CA ALA B 88 -18.09 4.71 16.82
C ALA B 88 -17.06 5.13 17.85
N GLU B 89 -16.23 4.17 18.24
CA GLU B 89 -15.18 4.41 19.21
C GLU B 89 -13.83 4.40 18.50
N PRO B 90 -12.88 5.19 19.00
CA PRO B 90 -11.51 5.05 18.50
C PRO B 90 -10.98 3.66 18.85
N LYS B 91 -10.29 3.02 17.91
CA LYS B 91 -9.72 1.71 18.16
C LYS B 91 -8.26 1.79 18.57
N THR B 92 -7.93 1.18 19.69
CA THR B 92 -6.57 1.20 20.21
C THR B 92 -5.94 -0.20 20.21
N VAL B 93 -4.76 -0.29 19.63
CA VAL B 93 -3.99 -1.53 19.64
C VAL B 93 -2.64 -1.28 20.30
N TYR B 94 -2.32 -2.10 21.29
CA TYR B 94 -1.04 -2.00 21.98
C TYR B 94 0.03 -2.86 21.31
N TRP B 95 1.24 -2.32 21.27
CA TRP B 95 2.37 -3.04 20.71
C TRP B 95 2.74 -4.22 21.57
N ASP B 96 2.77 -5.40 20.97
CA ASP B 96 3.29 -6.57 21.67
C ASP B 96 4.68 -6.88 21.11
N ARG B 97 5.70 -6.82 21.94
CA ARG B 97 7.02 -7.07 21.45
C ARG B 97 7.20 -8.45 20.86
N ASP B 98 6.29 -9.36 21.15
CA ASP B 98 6.40 -10.70 20.55
C ASP B 98 5.64 -10.87 19.25
N MET B 99 5.11 -9.78 18.71
CA MET B 99 4.30 -9.89 17.50
C MET B 99 4.59 -8.79 16.48
N CYS C 1 6.72 8.97 -15.13
CA CYS C 1 6.10 10.11 -15.80
C CYS C 1 4.57 9.93 -15.82
N THR C 2 3.85 10.77 -15.07
CA THR C 2 2.40 10.71 -15.02
C THR C 2 1.82 11.04 -16.39
N SER C 3 0.54 10.79 -16.58
CA SER C 3 -0.06 10.97 -17.87
C SER C 3 -0.84 12.28 -17.93
N GLU C 4 -0.79 12.95 -19.07
CA GLU C 4 -1.37 14.26 -19.16
C GLU C 4 -2.52 14.36 -20.13
N GLU C 5 -3.31 13.33 -20.25
CA GLU C 5 -4.46 13.38 -21.12
C GLU C 5 -5.61 14.08 -20.46
N MET C 6 -6.56 14.55 -21.24
CA MET C 6 -7.74 15.22 -20.73
C MET C 6 -8.66 14.20 -20.13
N ASN C 7 -9.42 14.59 -19.13
CA ASN C 7 -10.31 13.64 -18.52
C ASN C 7 -11.72 14.01 -18.78
N ALA C 8 -12.57 13.01 -18.83
CA ALA C 8 -14.01 13.24 -18.90
C ALA C 8 -14.69 12.32 -17.92
N PHE C 9 -15.79 12.82 -17.33
CA PHE C 9 -16.58 12.03 -16.41
C PHE C 9 -18.05 12.23 -16.73
#